data_4NQ1
#
_entry.id   4NQ1
#
_cell.length_a   89.310
_cell.length_b   89.310
_cell.length_c   290.180
_cell.angle_alpha   90.00
_cell.angle_beta   90.00
_cell.angle_gamma   120.00
#
_symmetry.space_group_name_H-M   'P 61 2 2'
#
loop_
_entity.id
_entity.type
_entity.pdbx_description
1 polymer '4-hydroxy-tetrahydrodipicolinate synthase'
2 non-polymer (4R)-2-METHYLPENTANE-2,4-DIOL
3 non-polymer 'CHLORIDE ION'
4 non-polymer 'MAGNESIUM ION'
5 non-polymer (4S)-2-METHYL-2,4-PENTANEDIOL
6 water water
#
_entity_poly.entity_id   1
_entity_poly.type   'polypeptide(L)'
_entity_poly.pdbx_seq_one_letter_code
;MFSGSIVALVTPMRNDSVDVHHLRELVEFHIAKGTHALVAAGTTGEAGTLSHSEKLLVIKTVIEQAKERVPVIAGTAMNA
TKDCIELTQQAMEYGAHAALIMTPAYIKPTQEGLYLHYSHIAQSVAIPIILYNVPGRTACDMLPETVARLAKISNIIGI
(KPI)EATGQMTRLQQILRLCEGSIDVYSGDDLTAAQWLLSGAKGVISVTANVAAKLMAKMCDLAMDDDQAGCLRIQEQL
MPLHELLFVESNPIPVKWAMKKMGLIGGELRLPMTELSEKHHQALEKVLKNLELI
;
_entity_poly.pdbx_strand_id   A,B
#
# COMPACT_ATOMS: atom_id res chain seq x y z
N MET A 1 16.61 19.20 13.49
N MET A 1 16.13 18.85 13.54
CA MET A 1 16.59 18.48 14.76
CA MET A 1 16.47 18.32 14.88
C MET A 1 17.52 17.24 14.69
C MET A 1 17.52 17.20 14.71
N PHE A 2 17.69 16.73 13.47
CA PHE A 2 18.62 15.62 13.18
C PHE A 2 19.54 16.03 12.02
N SER A 3 20.64 15.28 11.81
CA SER A 3 21.45 15.56 10.65
C SER A 3 22.23 14.32 10.28
N GLY A 4 22.81 14.32 9.08
CA GLY A 4 23.83 13.33 8.81
C GLY A 4 23.27 11.99 8.42
N SER A 5 24.01 10.97 8.79
CA SER A 5 23.64 9.60 8.41
C SER A 5 22.68 8.99 9.44
N ILE A 6 21.43 8.75 9.03
CA ILE A 6 20.36 8.25 9.95
C ILE A 6 19.98 6.90 9.42
N VAL A 7 20.28 5.84 10.17
CA VAL A 7 20.05 4.49 9.60
C VAL A 7 18.58 4.07 9.73
N ALA A 8 18.05 3.54 8.64
CA ALA A 8 16.73 2.93 8.68
C ALA A 8 16.96 1.44 9.08
N LEU A 9 16.88 1.18 10.38
CA LEU A 9 17.32 -0.12 10.89
C LEU A 9 16.49 -1.26 10.30
N VAL A 10 17.17 -2.35 9.90
CA VAL A 10 16.41 -3.62 9.70
C VAL A 10 15.82 -4.07 11.04
N THR A 11 14.80 -4.93 10.95
CA THR A 11 14.27 -5.55 12.18
C THR A 11 14.79 -6.99 12.20
N PRO A 12 15.82 -7.26 13.01
CA PRO A 12 16.28 -8.70 13.04
C PRO A 12 15.11 -9.62 13.52
N MET A 13 15.06 -10.83 12.92
N MET A 13 14.99 -10.81 12.91
CA MET A 13 13.97 -11.76 13.19
CA MET A 13 13.93 -11.74 13.31
C MET A 13 14.58 -13.14 13.32
C MET A 13 14.62 -13.07 13.50
N ARG A 14 13.93 -13.93 14.19
CA ARG A 14 14.40 -15.28 14.52
CA ARG A 14 14.39 -15.30 14.34
C ARG A 14 13.18 -16.15 14.62
N ASN A 15 13.03 -17.18 13.75
CA ASN A 15 11.81 -17.97 13.78
C ASN A 15 10.51 -17.15 13.81
N ASP A 16 10.51 -16.10 13.00
CA ASP A 16 9.36 -15.20 12.81
C ASP A 16 8.95 -14.39 14.03
N SER A 17 9.84 -14.31 15.02
CA SER A 17 9.68 -13.34 16.12
C SER A 17 10.85 -12.32 16.08
N VAL A 18 10.57 -11.12 16.57
CA VAL A 18 11.61 -10.11 16.64
C VAL A 18 12.81 -10.63 17.46
N ASP A 19 13.96 -10.48 16.92
CA ASP A 19 15.25 -11.01 17.50
C ASP A 19 15.81 -9.82 18.35
N VAL A 20 15.28 -9.67 19.56
CA VAL A 20 15.69 -8.59 20.51
C VAL A 20 17.18 -8.58 20.70
N HIS A 21 17.75 -9.78 20.91
CA HIS A 21 19.18 -9.84 21.09
C HIS A 21 20.03 -9.13 19.98
N HIS A 22 19.81 -9.50 18.70
CA HIS A 22 20.45 -8.89 17.59
C HIS A 22 20.04 -7.40 17.37
N LEU A 23 18.80 -7.09 17.69
CA LEU A 23 18.35 -5.67 17.50
C LEU A 23 19.16 -4.78 18.48
N ARG A 24 19.31 -5.26 19.72
CA ARG A 24 20.12 -4.50 20.70
C ARG A 24 21.52 -4.36 20.26
N GLU A 25 22.11 -5.45 19.70
CA GLU A 25 23.46 -5.38 19.16
C GLU A 25 23.61 -4.34 18.04
N LEU A 26 22.57 -4.19 17.21
CA LEU A 26 22.68 -3.23 16.14
C LEU A 26 22.73 -1.81 16.68
N VAL A 27 21.96 -1.54 17.73
CA VAL A 27 21.99 -0.21 18.40
C VAL A 27 23.42 0.08 18.86
N GLU A 28 24.02 -0.91 19.52
CA GLU A 28 25.45 -0.70 19.93
C GLU A 28 26.42 -0.52 18.81
N PHE A 29 26.26 -1.26 17.71
CA PHE A 29 27.07 -1.11 16.52
C PHE A 29 27.03 0.31 15.97
N HIS A 30 25.82 0.82 15.83
CA HIS A 30 25.68 2.15 15.27
C HIS A 30 26.26 3.22 16.16
N ILE A 31 26.03 3.08 17.46
CA ILE A 31 26.65 4.01 18.47
C ILE A 31 28.21 3.97 18.31
N ALA A 32 28.73 2.77 18.14
CA ALA A 32 30.21 2.57 17.98
C ALA A 32 30.74 3.15 16.69
N LYS A 33 29.93 3.09 15.60
CA LYS A 33 30.32 3.49 14.29
C LYS A 33 30.01 4.99 14.01
N GLY A 34 29.26 5.65 14.92
CA GLY A 34 29.02 7.11 14.83
C GLY A 34 27.83 7.52 13.95
N THR A 35 26.92 6.55 13.72
CA THR A 35 25.62 6.92 13.03
C THR A 35 24.91 8.03 13.81
N HIS A 36 24.24 8.95 13.11
CA HIS A 36 23.79 10.17 13.75
C HIS A 36 22.43 10.04 14.37
N ALA A 37 21.59 9.09 13.89
CA ALA A 37 20.29 8.78 14.60
C ALA A 37 19.78 7.46 14.02
N LEU A 38 18.81 6.88 14.73
CA LEU A 38 18.29 5.60 14.34
C LEU A 38 16.83 5.74 14.02
N VAL A 39 16.40 5.07 12.95
CA VAL A 39 14.95 4.90 12.71
C VAL A 39 14.56 3.46 12.95
N ALA A 40 13.57 3.32 13.78
CA ALA A 40 13.10 2.01 14.22
C ALA A 40 11.76 1.71 13.57
N ALA A 41 11.56 0.49 13.01
CA ALA A 41 10.28 0.12 12.41
C ALA A 41 9.87 0.98 11.20
N GLY A 42 10.83 1.40 10.39
CA GLY A 42 10.56 1.97 9.08
C GLY A 42 10.38 0.84 8.04
N THR A 43 10.37 1.27 6.79
CA THR A 43 10.20 0.34 5.65
C THR A 43 11.32 -0.74 5.66
N THR A 44 12.56 -0.29 5.93
CA THR A 44 13.69 -1.21 5.93
C THR A 44 13.52 -2.15 7.09
N GLY A 45 12.76 -1.76 8.11
CA GLY A 45 12.48 -2.61 9.26
C GLY A 45 11.26 -3.52 9.11
N GLU A 46 10.82 -3.69 7.84
CA GLU A 46 9.62 -4.52 7.56
C GLU A 46 8.35 -4.03 8.26
N ALA A 47 8.20 -2.69 8.36
CA ALA A 47 6.98 -2.20 8.97
C ALA A 47 5.74 -2.78 8.33
N GLY A 48 5.84 -3.02 7.01
CA GLY A 48 4.67 -3.50 6.20
C GLY A 48 4.16 -4.90 6.55
N THR A 49 4.98 -5.70 7.27
CA THR A 49 4.46 -7.00 7.70
C THR A 49 4.49 -7.19 9.24
N LEU A 50 4.97 -6.19 9.97
CA LEU A 50 5.02 -6.37 11.45
C LEU A 50 3.60 -6.08 11.99
N SER A 51 3.24 -6.73 13.12
CA SER A 51 1.98 -6.40 13.74
C SER A 51 2.16 -5.10 14.60
N HIS A 52 1.06 -4.53 15.06
CA HIS A 52 1.08 -3.33 15.94
C HIS A 52 1.98 -3.58 17.14
N SER A 53 1.80 -4.75 17.78
N SER A 53 1.81 -4.74 17.81
CA SER A 53 2.61 -5.11 18.95
CA SER A 53 2.62 -5.03 18.98
C SER A 53 4.08 -5.19 18.65
C SER A 53 4.10 -5.20 18.67
N GLU A 54 4.41 -5.80 17.51
CA GLU A 54 5.79 -5.95 17.12
C GLU A 54 6.42 -4.57 16.84
N LYS A 55 5.70 -3.68 16.14
CA LYS A 55 6.27 -2.33 15.88
C LYS A 55 6.62 -1.67 17.22
N LEU A 56 5.71 -1.77 18.16
CA LEU A 56 5.96 -1.16 19.47
C LEU A 56 7.15 -1.82 20.18
N LEU A 57 7.26 -3.15 20.11
CA LEU A 57 8.37 -3.84 20.68
C LEU A 57 9.69 -3.39 20.06
N VAL A 58 9.73 -3.31 18.70
CA VAL A 58 10.93 -2.84 18.06
C VAL A 58 11.33 -1.39 18.53
N ILE A 59 10.34 -0.49 18.55
CA ILE A 59 10.59 0.91 18.96
C ILE A 59 11.13 0.97 20.43
N LYS A 60 10.44 0.23 21.28
CA LYS A 60 10.82 0.20 22.69
C LYS A 60 12.20 -0.41 22.85
N THR A 61 12.48 -1.51 22.14
CA THR A 61 13.79 -2.13 22.23
C THR A 61 14.93 -1.13 21.91
N VAL A 62 14.73 -0.41 20.84
CA VAL A 62 15.78 0.48 20.31
C VAL A 62 15.98 1.66 21.31
N ILE A 63 14.88 2.21 21.75
CA ILE A 63 14.94 3.34 22.65
C ILE A 63 15.64 2.91 23.97
N GLU A 64 15.15 1.81 24.53
N GLU A 64 15.23 1.78 24.54
CA GLU A 64 15.77 1.33 25.77
CA GLU A 64 15.85 1.32 25.82
C GLU A 64 17.27 1.11 25.56
C GLU A 64 17.32 0.88 25.68
N GLN A 65 17.69 0.40 24.50
CA GLN A 65 19.10 0.09 24.33
C GLN A 65 19.93 1.37 24.08
N ALA A 66 19.34 2.35 23.42
CA ALA A 66 20.14 3.53 23.08
C ALA A 66 20.60 4.33 24.33
N LYS A 67 19.72 4.36 25.32
CA LYS A 67 20.00 4.95 26.66
C LYS A 67 20.48 6.37 26.41
N GLU A 68 19.70 7.07 25.60
N GLU A 68 19.72 7.05 25.57
CA GLU A 68 19.92 8.48 25.23
CA GLU A 68 19.93 8.46 25.28
C GLU A 68 21.32 8.82 24.66
C GLU A 68 21.31 8.81 24.68
N ARG A 69 21.98 7.81 24.13
CA ARG A 69 23.24 8.02 23.47
C ARG A 69 23.16 8.48 22.00
N VAL A 70 22.01 8.20 21.40
CA VAL A 70 21.79 8.55 20.00
C VAL A 70 20.26 8.72 19.88
N PRO A 71 19.84 9.75 19.10
CA PRO A 71 18.36 9.89 19.02
C PRO A 71 17.67 8.71 18.26
N VAL A 72 16.38 8.55 18.63
CA VAL A 72 15.57 7.46 18.04
C VAL A 72 14.33 8.04 17.39
N ILE A 73 14.16 7.75 16.10
CA ILE A 73 12.94 8.11 15.34
C ILE A 73 12.10 6.86 15.12
N ALA A 74 10.81 6.96 15.42
CA ALA A 74 9.94 5.73 15.32
C ALA A 74 9.12 5.84 14.05
N GLY A 75 9.12 4.75 13.24
CA GLY A 75 8.13 4.72 12.14
C GLY A 75 6.75 4.41 12.71
N THR A 76 5.77 5.24 12.35
CA THR A 76 4.44 5.09 12.95
C THR A 76 3.31 5.22 11.95
N ALA A 77 3.64 5.10 10.66
CA ALA A 77 2.52 5.23 9.71
C ALA A 77 1.43 4.15 9.88
N MET A 78 0.17 4.58 9.69
N MET A 78 0.16 4.57 9.76
CA MET A 78 -0.93 3.70 9.40
CA MET A 78 -0.93 3.70 9.42
C MET A 78 -1.86 4.41 8.44
C MET A 78 -1.77 4.40 8.35
N ASN A 79 -2.59 3.62 7.63
CA ASN A 79 -3.45 4.23 6.63
C ASN A 79 -4.54 5.09 7.16
N ALA A 80 -5.31 4.59 8.14
CA ALA A 80 -6.38 5.42 8.75
C ALA A 80 -5.75 6.46 9.66
N THR A 81 -6.21 7.69 9.52
CA THR A 81 -5.68 8.80 10.38
C THR A 81 -5.81 8.47 11.86
N LYS A 82 -6.96 7.92 12.21
CA LYS A 82 -7.20 7.63 13.63
C LYS A 82 -6.21 6.57 14.17
N ASP A 83 -5.86 5.57 13.36
CA ASP A 83 -4.91 4.55 13.75
C ASP A 83 -3.50 5.14 13.81
N CYS A 84 -3.15 6.01 12.86
CA CYS A 84 -1.83 6.58 12.85
C CYS A 84 -1.66 7.45 14.13
N ILE A 85 -2.73 8.17 14.50
CA ILE A 85 -2.62 8.98 15.73
C ILE A 85 -2.30 8.04 16.94
N GLU A 86 -2.99 6.91 17.07
N GLU A 86 -3.02 6.92 17.03
CA GLU A 86 -2.77 6.01 18.21
CA GLU A 86 -2.82 5.94 18.11
C GLU A 86 -1.35 5.44 18.24
C GLU A 86 -1.38 5.46 18.21
N LEU A 87 -0.85 5.01 17.07
CA LEU A 87 0.48 4.45 17.05
C LEU A 87 1.55 5.53 17.35
N THR A 88 1.35 6.72 16.75
CA THR A 88 2.30 7.84 16.95
C THR A 88 2.29 8.31 18.45
N GLN A 89 1.10 8.34 19.06
CA GLN A 89 0.98 8.63 20.49
C GLN A 89 1.77 7.61 21.33
N GLN A 90 1.65 6.31 21.06
N GLN A 90 1.61 6.33 20.99
CA GLN A 90 2.40 5.34 21.88
CA GLN A 90 2.32 5.27 21.71
C GLN A 90 3.91 5.47 21.66
C GLN A 90 3.82 5.48 21.63
N ALA A 91 4.34 5.77 20.43
CA ALA A 91 5.77 5.93 20.19
C ALA A 91 6.29 7.16 20.98
N MET A 92 5.51 8.24 20.97
N MET A 92 5.53 8.25 20.98
CA MET A 92 5.86 9.46 21.76
CA MET A 92 5.91 9.43 21.78
C MET A 92 6.00 9.11 23.26
C MET A 92 6.04 9.06 23.26
N GLU A 93 5.05 8.31 23.75
CA GLU A 93 4.99 7.98 25.20
C GLU A 93 6.20 7.07 25.54
N TYR A 94 6.62 6.23 24.61
CA TYR A 94 7.82 5.40 24.82
C TYR A 94 9.10 6.18 24.91
N GLY A 95 9.08 7.42 24.39
CA GLY A 95 10.23 8.28 24.43
C GLY A 95 10.86 8.54 23.07
N ALA A 96 10.19 8.20 21.98
CA ALA A 96 10.80 8.46 20.67
C ALA A 96 10.99 9.98 20.48
N HIS A 97 12.10 10.34 19.85
CA HIS A 97 12.37 11.79 19.70
C HIS A 97 11.58 12.40 18.56
N ALA A 98 11.24 11.59 17.54
CA ALA A 98 10.33 12.06 16.49
C ALA A 98 9.63 10.80 15.92
N ALA A 99 8.56 11.07 15.16
CA ALA A 99 7.82 9.98 14.42
C ALA A 99 8.06 10.24 12.94
N LEU A 100 8.53 9.17 12.24
CA LEU A 100 8.62 9.18 10.77
C LEU A 100 7.34 8.55 10.21
N ILE A 101 6.58 9.35 9.43
CA ILE A 101 5.20 8.95 9.07
C ILE A 101 5.09 8.90 7.55
N MET A 102 5.26 7.67 7.01
CA MET A 102 4.97 7.47 5.57
C MET A 102 3.51 7.85 5.26
N THR A 103 3.30 8.33 4.02
CA THR A 103 1.88 8.62 3.64
C THR A 103 1.13 7.28 3.64
N PRO A 104 -0.19 7.36 3.69
CA PRO A 104 -1.05 6.16 3.42
C PRO A 104 -0.59 5.52 2.11
N ALA A 105 -0.73 4.21 2.11
CA ALA A 105 -0.43 3.46 0.90
C ALA A 105 -1.68 2.86 0.32
N TYR A 106 -1.64 2.73 -1.01
N TYR A 106 -1.65 2.72 -1.01
CA TYR A 106 -2.63 1.94 -1.77
CA TYR A 106 -2.62 1.97 -1.85
C TYR A 106 -3.99 2.65 -1.93
C TYR A 106 -4.04 2.58 -1.94
N ILE A 107 -4.43 3.32 -0.89
CA ILE A 107 -5.78 4.01 -0.92
C ILE A 107 -5.73 5.37 -1.65
N LYS A 108 -4.53 5.93 -1.86
CA LYS A 108 -4.42 7.11 -2.76
C LYS A 108 -5.28 8.37 -2.38
N PRO A 109 -4.99 8.92 -1.20
CA PRO A 109 -5.77 10.10 -0.79
C PRO A 109 -5.44 11.28 -1.68
N THR A 110 -6.36 12.25 -1.68
CA THR A 110 -6.05 13.48 -2.38
C THR A 110 -5.07 14.32 -1.57
N GLN A 111 -4.56 15.40 -2.21
CA GLN A 111 -3.68 16.29 -1.46
C GLN A 111 -4.35 16.89 -0.22
N GLU A 112 -5.63 17.21 -0.40
N GLU A 112 -5.63 17.23 -0.29
N GLU A 112 -5.64 17.22 -0.32
CA GLU A 112 -6.43 17.66 0.72
CA GLU A 112 -6.29 17.72 0.94
CA GLU A 112 -6.32 17.72 0.87
C GLU A 112 -6.39 16.61 1.83
C GLU A 112 -6.48 16.58 1.95
C GLU A 112 -6.47 16.59 1.92
N GLY A 113 -6.64 15.34 1.47
CA GLY A 113 -6.69 14.21 2.44
C GLY A 113 -5.32 14.09 3.14
N LEU A 114 -4.22 14.27 2.39
CA LEU A 114 -2.87 14.20 3.01
C LEU A 114 -2.71 15.36 4.02
N TYR A 115 -3.13 16.56 3.62
CA TYR A 115 -3.04 17.68 4.57
C TYR A 115 -3.84 17.39 5.84
N LEU A 116 -5.08 16.91 5.69
CA LEU A 116 -5.93 16.61 6.85
C LEU A 116 -5.28 15.51 7.71
N HIS A 117 -4.74 14.48 7.03
CA HIS A 117 -4.12 13.35 7.77
C HIS A 117 -3.01 13.85 8.72
N TYR A 118 -2.05 14.53 8.13
CA TYR A 118 -0.86 14.97 8.90
C TYR A 118 -1.22 16.09 9.88
N SER A 119 -2.12 16.99 9.50
N SER A 119 -2.13 16.98 9.48
CA SER A 119 -2.47 18.07 10.45
CA SER A 119 -2.55 18.04 10.41
C SER A 119 -3.27 17.50 11.66
C SER A 119 -3.20 17.45 11.65
N HIS A 120 -4.14 16.50 11.42
CA HIS A 120 -4.80 15.82 12.56
C HIS A 120 -3.80 15.11 13.44
N ILE A 121 -2.85 14.35 12.85
CA ILE A 121 -1.87 13.65 13.67
C ILE A 121 -1.06 14.67 14.51
N ALA A 122 -0.54 15.73 13.85
CA ALA A 122 0.29 16.72 14.57
C ALA A 122 -0.52 17.44 15.65
N GLN A 123 -1.81 17.73 15.44
CA GLN A 123 -2.62 18.39 16.51
C GLN A 123 -2.89 17.49 17.72
N SER A 124 -2.92 16.18 17.45
CA SER A 124 -3.29 15.18 18.43
C SER A 124 -2.11 14.67 19.22
N VAL A 125 -0.89 14.77 18.67
CA VAL A 125 0.26 14.12 19.35
C VAL A 125 1.41 15.08 19.40
N ALA A 126 1.81 15.42 20.64
CA ALA A 126 2.87 16.42 20.84
C ALA A 126 4.27 15.80 20.69
N ILE A 127 4.61 15.41 19.43
CA ILE A 127 5.92 14.86 19.06
C ILE A 127 6.29 15.49 17.69
N PRO A 128 7.58 15.74 17.45
CA PRO A 128 8.03 16.16 16.09
C PRO A 128 7.70 15.02 15.11
N ILE A 129 7.35 15.44 13.92
CA ILE A 129 6.91 14.46 12.87
C ILE A 129 7.80 14.75 11.65
N ILE A 130 8.24 13.65 11.05
CA ILE A 130 8.97 13.70 9.78
C ILE A 130 8.01 13.06 8.78
N LEU A 131 7.58 13.86 7.79
CA LEU A 131 6.78 13.29 6.68
C LEU A 131 7.66 12.29 5.89
N TYR A 132 7.00 11.34 5.22
CA TYR A 132 7.82 10.37 4.41
C TYR A 132 7.07 10.08 3.09
N ASN A 133 7.62 10.57 1.99
CA ASN A 133 7.00 10.46 0.68
C ASN A 133 7.78 9.46 -0.15
N VAL A 134 7.10 8.45 -0.66
CA VAL A 134 7.71 7.40 -1.42
C VAL A 134 6.66 6.81 -2.37
N PRO A 135 6.25 7.64 -3.33
CA PRO A 135 5.18 7.20 -4.26
C PRO A 135 5.50 5.88 -5.04
N GLY A 136 6.76 5.61 -5.26
CA GLY A 136 7.14 4.39 -5.95
C GLY A 136 6.71 3.15 -5.16
N ARG A 137 6.40 3.29 -3.88
CA ARG A 137 5.80 2.15 -3.13
C ARG A 137 4.34 2.44 -2.77
N THR A 138 3.94 3.69 -2.48
CA THR A 138 2.59 3.88 -1.92
C THR A 138 1.54 4.28 -2.95
N ALA A 139 1.99 4.59 -4.17
CA ALA A 139 1.14 5.22 -5.19
C ALA A 139 0.56 6.60 -4.81
N CYS A 140 1.12 7.21 -3.77
CA CYS A 140 0.70 8.57 -3.29
C CYS A 140 1.95 9.45 -3.37
N ASP A 141 1.89 10.48 -4.22
CA ASP A 141 2.94 11.50 -4.23
C ASP A 141 2.47 12.82 -3.59
N MET A 142 3.16 13.14 -2.47
N MET A 142 3.00 13.08 -2.40
CA MET A 142 3.01 14.43 -1.76
CA MET A 142 2.68 14.32 -1.68
C MET A 142 3.62 15.51 -2.55
C MET A 142 3.47 15.45 -2.40
N LEU A 143 2.78 16.44 -3.01
CA LEU A 143 3.37 17.43 -3.87
C LEU A 143 4.02 18.53 -3.06
N PRO A 144 4.99 19.23 -3.64
CA PRO A 144 5.71 20.29 -2.91
C PRO A 144 4.74 21.33 -2.33
N GLU A 145 3.65 21.70 -3.01
CA GLU A 145 2.75 22.68 -2.42
C GLU A 145 2.13 22.16 -1.14
N THR A 146 1.89 20.84 -1.09
CA THR A 146 1.32 20.26 0.13
C THR A 146 2.32 20.28 1.30
N VAL A 147 3.53 19.93 0.92
CA VAL A 147 4.68 20.03 1.84
C VAL A 147 4.82 21.44 2.50
N ALA A 148 4.73 22.46 1.64
CA ALA A 148 4.84 23.82 2.13
C ALA A 148 3.71 24.19 3.10
N ARG A 149 2.49 23.72 2.84
N ARG A 149 2.49 23.72 2.82
CA ARG A 149 1.36 23.93 3.81
CA ARG A 149 1.32 23.87 3.73
C ARG A 149 1.64 23.24 5.13
C ARG A 149 1.61 23.22 5.09
N LEU A 150 2.15 22.00 5.03
CA LEU A 150 2.38 21.19 6.28
C LEU A 150 3.53 21.77 7.08
N ALA A 151 4.47 22.44 6.43
CA ALA A 151 5.64 23.09 7.15
C ALA A 151 5.17 24.18 8.09
N LYS A 152 3.98 24.70 7.82
CA LYS A 152 3.39 25.72 8.76
C LYS A 152 2.81 25.10 10.01
N ILE A 153 2.84 23.76 10.15
CA ILE A 153 2.37 23.09 11.34
C ILE A 153 3.69 22.76 12.10
N SER A 154 3.88 23.34 13.29
CA SER A 154 5.22 23.49 13.83
C SER A 154 5.84 22.18 14.29
N ASN A 155 5.03 21.19 14.59
CA ASN A 155 5.61 19.93 14.95
C ASN A 155 6.04 19.09 13.76
N ILE A 156 5.80 19.61 12.56
CA ILE A 156 6.23 18.92 11.36
C ILE A 156 7.59 19.53 11.01
N ILE A 157 8.63 18.75 11.30
CA ILE A 157 9.99 19.28 11.29
C ILE A 157 10.76 18.95 10.04
N GLY A 158 10.26 17.93 9.31
CA GLY A 158 11.11 17.36 8.25
C GLY A 158 10.24 16.60 7.23
N ILE A 159 10.91 16.29 6.09
CA ILE A 159 10.36 15.33 5.12
C ILE A 159 11.51 14.46 4.63
N GLU A 161 12.26 12.46 1.68
CA GLU A 161 11.75 12.52 0.33
C GLU A 161 12.52 11.49 -0.42
N ALA A 162 11.84 10.39 -0.78
CA ALA A 162 12.58 9.22 -1.34
C ALA A 162 12.60 9.14 -2.87
N THR A 163 12.11 10.18 -3.53
CA THR A 163 11.96 10.04 -4.98
C THR A 163 13.29 10.14 -5.77
N GLY A 164 14.35 10.64 -5.17
CA GLY A 164 15.64 10.72 -5.91
C GLY A 164 15.67 11.82 -6.98
N GLN A 165 14.67 12.73 -6.95
CA GLN A 165 14.49 13.71 -8.03
C GLN A 165 15.04 15.06 -7.55
N MET A 166 16.13 15.52 -8.18
CA MET A 166 16.73 16.75 -7.73
C MET A 166 15.76 17.91 -7.85
N THR A 167 14.93 17.96 -8.92
CA THR A 167 14.00 19.09 -9.01
C THR A 167 12.93 19.09 -7.91
N ARG A 168 12.62 17.90 -7.41
CA ARG A 168 11.70 17.78 -6.27
C ARG A 168 12.36 18.40 -5.04
N LEU A 169 13.62 18.05 -4.75
CA LEU A 169 14.32 18.66 -3.62
C LEU A 169 14.32 20.20 -3.80
N GLN A 170 14.64 20.63 -5.02
CA GLN A 170 14.80 22.06 -5.18
CA GLN A 170 14.77 22.06 -5.34
C GLN A 170 13.45 22.80 -5.12
N GLN A 171 12.34 22.19 -5.61
CA GLN A 171 11.03 22.86 -5.51
C GLN A 171 10.63 22.95 -4.02
N ILE A 172 10.89 21.89 -3.24
CA ILE A 172 10.49 21.99 -1.79
C ILE A 172 11.30 23.09 -1.13
N LEU A 173 12.60 23.14 -1.39
CA LEU A 173 13.40 24.19 -0.74
C LEU A 173 12.99 25.60 -1.19
N ARG A 174 12.68 25.73 -2.48
N ARG A 174 12.69 25.75 -2.48
CA ARG A 174 12.20 27.00 -3.10
CA ARG A 174 12.25 27.06 -2.97
C ARG A 174 10.92 27.47 -2.47
C ARG A 174 10.96 27.47 -2.29
N LEU A 175 10.00 26.54 -2.17
CA LEU A 175 8.68 26.92 -1.67
C LEU A 175 8.70 27.16 -0.17
N CYS A 176 9.53 26.38 0.52
CA CYS A 176 9.52 26.41 1.97
C CYS A 176 10.55 27.37 2.57
N GLU A 177 11.66 27.63 1.86
CA GLU A 177 12.68 28.59 2.33
C GLU A 177 13.21 28.35 3.73
N GLY A 178 13.49 27.08 4.06
CA GLY A 178 14.01 26.72 5.39
C GLY A 178 13.00 26.27 6.40
N SER A 179 11.72 26.34 6.04
N SER A 179 11.71 26.36 6.08
CA SER A 179 10.64 26.07 6.99
CA SER A 179 10.67 26.04 7.08
C SER A 179 10.40 24.57 7.21
C SER A 179 10.51 24.55 7.33
N ILE A 180 11.15 23.72 6.49
CA ILE A 180 11.13 22.28 6.77
C ILE A 180 12.45 21.67 6.36
N ASP A 181 12.94 20.72 7.16
CA ASP A 181 14.21 20.07 6.74
C ASP A 181 13.88 19.00 5.73
N VAL A 182 14.74 18.83 4.72
CA VAL A 182 14.56 17.69 3.80
C VAL A 182 15.65 16.68 4.05
N TYR A 183 15.25 15.40 4.20
CA TYR A 183 16.20 14.32 4.31
C TYR A 183 16.06 13.49 3.05
N SER A 184 17.19 13.14 2.47
CA SER A 184 17.11 12.17 1.33
C SER A 184 16.59 10.84 1.86
N GLY A 185 15.73 10.21 1.06
CA GLY A 185 15.32 8.83 1.32
C GLY A 185 15.82 7.94 0.18
N ASP A 186 16.93 8.33 -0.48
CA ASP A 186 17.44 7.54 -1.64
C ASP A 186 18.97 7.57 -1.57
N ASP A 187 19.56 6.47 -1.08
CA ASP A 187 21.03 6.35 -0.99
C ASP A 187 21.73 6.64 -2.28
N LEU A 188 21.14 6.24 -3.41
N LEU A 188 21.12 6.22 -3.41
CA LEU A 188 21.83 6.38 -4.71
CA LEU A 188 21.74 6.39 -4.73
C LEU A 188 22.04 7.84 -5.16
C LEU A 188 22.09 7.84 -5.08
N THR A 189 21.29 8.78 -4.56
CA THR A 189 21.36 10.19 -4.93
C THR A 189 21.63 11.03 -3.70
N ALA A 190 22.02 10.40 -2.59
CA ALA A 190 22.06 11.10 -1.30
C ALA A 190 23.11 12.20 -1.29
N ALA A 191 24.31 11.90 -1.85
CA ALA A 191 25.40 12.90 -1.73
C ALA A 191 24.99 14.18 -2.44
N GLN A 192 24.44 14.06 -3.68
CA GLN A 192 24.00 15.31 -4.37
C GLN A 192 23.00 16.05 -3.50
N TRP A 193 22.07 15.33 -2.87
CA TRP A 193 21.13 16.03 -2.04
C TRP A 193 21.76 16.73 -0.82
N LEU A 194 22.68 16.04 -0.16
CA LEU A 194 23.36 16.60 1.01
C LEU A 194 24.18 17.82 0.61
N LEU A 195 24.67 17.85 -0.63
CA LEU A 195 25.40 19.03 -1.09
C LEU A 195 24.53 20.15 -1.65
N SER A 196 23.21 19.90 -1.76
CA SER A 196 22.24 20.79 -2.38
C SER A 196 21.14 21.18 -1.39
N GLY A 197 21.42 21.06 -0.10
CA GLY A 197 20.48 21.64 0.89
C GLY A 197 19.75 20.65 1.79
N ALA A 198 19.86 19.34 1.49
CA ALA A 198 19.25 18.32 2.38
C ALA A 198 20.06 18.23 3.71
N LYS A 199 19.38 17.91 4.83
CA LYS A 199 20.00 17.95 6.16
C LYS A 199 20.67 16.66 6.51
N GLY A 200 20.30 15.60 5.78
CA GLY A 200 20.73 14.25 6.18
C GLY A 200 20.16 13.24 5.21
N VAL A 201 20.47 11.98 5.48
CA VAL A 201 19.89 10.89 4.67
C VAL A 201 19.41 9.82 5.57
N ILE A 202 18.16 9.40 5.37
CA ILE A 202 17.57 8.21 6.09
C ILE A 202 17.88 7.05 5.16
N SER A 203 18.90 6.29 5.58
CA SER A 203 19.69 5.41 4.73
C SER A 203 19.52 3.90 4.98
N VAL A 204 19.43 3.15 3.86
CA VAL A 204 19.49 1.66 3.92
C VAL A 204 20.97 1.24 3.98
N THR A 205 21.80 1.87 3.14
CA THR A 205 23.26 1.53 3.14
C THR A 205 23.99 1.66 4.46
N ALA A 206 23.53 2.62 5.26
CA ALA A 206 24.16 2.78 6.58
C ALA A 206 24.00 1.53 7.46
N ASN A 207 23.04 0.61 7.17
CA ASN A 207 22.98 -0.63 7.96
C ASN A 207 24.29 -1.47 7.80
N VAL A 208 24.99 -1.28 6.72
CA VAL A 208 26.12 -2.11 6.36
C VAL A 208 27.43 -1.32 6.36
N ALA A 209 27.40 -0.12 5.79
CA ALA A 209 28.58 0.73 5.73
C ALA A 209 28.37 1.98 6.62
N ALA A 210 28.13 1.77 7.90
CA ALA A 210 27.79 2.84 8.83
C ALA A 210 28.88 3.89 8.96
N LYS A 211 30.13 3.43 9.10
CA LYS A 211 31.22 4.38 9.18
C LYS A 211 31.40 5.26 7.93
N LEU A 212 31.40 4.62 6.76
CA LEU A 212 31.56 5.36 5.53
C LEU A 212 30.37 6.30 5.31
N MET A 213 29.17 5.83 5.64
CA MET A 213 27.98 6.72 5.46
C MET A 213 28.07 7.95 6.37
N ALA A 214 28.44 7.70 7.60
CA ALA A 214 28.64 8.81 8.55
C ALA A 214 29.71 9.79 8.04
N LYS A 215 30.82 9.23 7.57
CA LYS A 215 31.88 10.07 6.97
C LYS A 215 31.43 10.89 5.76
N MET A 216 30.70 10.23 4.85
N MET A 216 30.69 10.22 4.85
CA MET A 216 30.27 10.94 3.68
CA MET A 216 30.20 10.88 3.64
C MET A 216 29.39 12.15 4.07
C MET A 216 29.35 12.11 4.02
N CYS A 217 28.50 11.90 5.02
CA CYS A 217 27.58 12.96 5.51
C CYS A 217 28.35 14.08 6.22
N ASP A 218 29.37 13.69 7.01
CA ASP A 218 30.16 14.65 7.76
C ASP A 218 30.91 15.54 6.77
N LEU A 219 31.47 14.95 5.69
CA LEU A 219 32.15 15.77 4.71
C LEU A 219 31.17 16.73 4.02
N ALA A 220 29.96 16.28 3.70
CA ALA A 220 29.00 17.16 3.09
C ALA A 220 28.64 18.33 4.05
N MET A 221 28.47 18.00 5.33
CA MET A 221 28.20 19.05 6.36
C MET A 221 29.35 20.04 6.55
N ASP A 222 30.57 19.59 6.26
N ASP A 222 30.58 19.60 6.27
CA ASP A 222 31.74 20.44 6.28
CA ASP A 222 31.78 20.48 6.27
C ASP A 222 31.99 21.12 4.92
C ASP A 222 31.94 21.25 4.95
N ASP A 223 30.98 21.10 4.04
CA ASP A 223 31.09 21.60 2.65
C ASP A 223 32.35 21.09 1.89
N ASP A 224 32.77 19.86 2.22
CA ASP A 224 33.85 19.22 1.46
C ASP A 224 33.19 18.42 0.35
N GLN A 225 32.84 19.10 -0.72
CA GLN A 225 32.11 18.54 -1.82
C GLN A 225 32.90 17.39 -2.48
N ALA A 226 34.19 17.65 -2.71
CA ALA A 226 34.99 16.63 -3.42
C ALA A 226 35.10 15.37 -2.59
N GLY A 227 35.40 15.52 -1.29
CA GLY A 227 35.50 14.45 -0.30
C GLY A 227 34.19 13.65 -0.19
N CYS A 228 33.10 14.39 -0.09
CA CYS A 228 31.77 13.74 -0.02
C CYS A 228 31.53 12.89 -1.31
N LEU A 229 31.75 13.48 -2.49
CA LEU A 229 31.49 12.76 -3.72
C LEU A 229 32.43 11.54 -3.86
N ARG A 230 33.63 11.67 -3.32
CA ARG A 230 34.67 10.60 -3.35
C ARG A 230 34.09 9.31 -2.67
N ILE A 231 33.50 9.49 -1.48
N ILE A 231 33.52 9.48 -1.48
CA ILE A 231 32.96 8.39 -0.69
CA ILE A 231 32.97 8.34 -0.76
C ILE A 231 31.67 7.84 -1.29
C ILE A 231 31.73 7.83 -1.46
N GLN A 232 30.88 8.75 -1.89
CA GLN A 232 29.68 8.37 -2.63
C GLN A 232 30.01 7.42 -3.81
N GLU A 233 31.04 7.75 -4.56
CA GLU A 233 31.47 6.83 -5.64
C GLU A 233 31.96 5.51 -5.14
N GLN A 234 32.60 5.48 -3.99
CA GLN A 234 33.11 4.24 -3.36
C GLN A 234 31.93 3.32 -2.95
N LEU A 235 30.83 3.97 -2.52
CA LEU A 235 29.61 3.27 -2.08
C LEU A 235 28.69 2.89 -3.19
N MET A 236 28.83 3.47 -4.37
CA MET A 236 27.79 3.41 -5.36
C MET A 236 27.52 1.93 -5.82
N PRO A 237 28.57 1.08 -5.97
CA PRO A 237 28.26 -0.33 -6.31
C PRO A 237 27.41 -1.04 -5.20
N LEU A 238 27.64 -0.66 -3.92
CA LEU A 238 26.91 -1.26 -2.79
C LEU A 238 25.47 -0.67 -2.84
N HIS A 239 25.36 0.66 -3.02
CA HIS A 239 24.01 1.32 -3.10
C HIS A 239 23.15 0.62 -4.16
N GLU A 240 23.70 0.46 -5.35
CA GLU A 240 22.94 -0.19 -6.43
C GLU A 240 22.44 -1.62 -6.08
N LEU A 241 23.36 -2.45 -5.54
CA LEU A 241 23.04 -3.84 -5.21
C LEU A 241 21.99 -3.92 -4.10
N LEU A 242 21.94 -2.92 -3.20
CA LEU A 242 20.99 -3.01 -2.09
C LEU A 242 19.56 -2.81 -2.58
N PHE A 243 19.32 -2.47 -3.85
CA PHE A 243 17.98 -2.46 -4.35
C PHE A 243 17.75 -3.39 -5.50
N VAL A 244 18.65 -4.37 -5.64
CA VAL A 244 18.56 -5.29 -6.83
C VAL A 244 17.24 -6.12 -6.75
N GLU A 245 16.82 -6.43 -5.51
CA GLU A 245 15.45 -6.83 -5.24
C GLU A 245 14.96 -5.88 -4.14
N SER A 246 13.64 -5.91 -3.92
CA SER A 246 13.08 -4.90 -2.98
C SER A 246 13.79 -4.88 -1.64
N ASN A 247 14.22 -3.67 -1.25
CA ASN A 247 14.67 -3.46 0.11
C ASN A 247 13.54 -3.90 1.09
N PRO A 248 13.87 -4.62 2.18
CA PRO A 248 15.23 -4.89 2.72
C PRO A 248 15.76 -6.31 2.36
N ILE A 249 15.33 -6.83 1.23
CA ILE A 249 15.86 -8.20 0.86
C ILE A 249 17.39 -8.19 0.74
N PRO A 250 18.00 -7.27 -0.06
CA PRO A 250 19.47 -7.37 -0.21
C PRO A 250 20.21 -7.00 1.04
N VAL A 251 19.75 -5.94 1.73
CA VAL A 251 20.46 -5.57 2.94
C VAL A 251 20.48 -6.63 3.99
N LYS A 252 19.37 -7.33 4.20
CA LYS A 252 19.39 -8.44 5.14
C LYS A 252 20.40 -9.54 4.73
N TRP A 253 20.44 -9.84 3.47
CA TRP A 253 21.45 -10.84 2.99
C TRP A 253 22.88 -10.36 3.34
N ALA A 254 23.15 -9.06 3.10
CA ALA A 254 24.53 -8.52 3.37
C ALA A 254 24.84 -8.59 4.84
N MET A 255 23.86 -8.20 5.67
CA MET A 255 24.05 -8.18 7.11
C MET A 255 24.21 -9.61 7.64
N LYS A 256 23.53 -10.54 6.96
N LYS A 256 23.50 -10.59 7.09
CA LYS A 256 23.64 -12.00 7.26
CA LYS A 256 23.74 -12.00 7.56
C LYS A 256 25.08 -12.41 7.11
C LYS A 256 25.17 -12.46 7.12
N LYS A 257 25.61 -12.09 5.93
CA LYS A 257 27.00 -12.40 5.52
C LYS A 257 28.03 -11.78 6.47
N MET A 258 27.70 -10.58 6.96
CA MET A 258 28.54 -9.90 7.99
C MET A 258 28.41 -10.44 9.41
N GLY A 259 27.54 -11.43 9.62
CA GLY A 259 27.32 -11.98 10.94
C GLY A 259 26.55 -11.13 11.96
N LEU A 260 25.85 -10.08 11.45
CA LEU A 260 25.13 -9.17 12.33
C LEU A 260 23.72 -9.62 12.67
N ILE A 261 23.12 -10.42 11.78
CA ILE A 261 21.77 -10.91 12.05
C ILE A 261 21.65 -12.27 11.34
N GLY A 262 20.51 -12.90 11.59
CA GLY A 262 20.14 -14.21 10.96
C GLY A 262 19.74 -14.01 9.48
N GLY A 263 19.25 -12.83 9.10
CA GLY A 263 18.86 -12.61 7.68
C GLY A 263 17.51 -13.23 7.29
N GLU A 264 16.60 -13.28 8.24
N GLU A 264 16.59 -13.36 8.24
CA GLU A 264 15.29 -13.87 8.02
CA GLU A 264 15.30 -13.99 7.96
C GLU A 264 14.35 -12.80 7.46
C GLU A 264 14.21 -12.94 7.62
N LEU A 265 13.48 -13.19 6.54
CA LEU A 265 12.46 -12.26 6.05
C LEU A 265 11.10 -12.88 6.25
N ARG A 266 10.13 -12.08 6.66
CA ARG A 266 8.75 -12.55 6.82
C ARG A 266 8.01 -12.57 5.49
N LEU A 267 7.40 -13.71 5.16
CA LEU A 267 6.68 -13.84 3.87
C LEU A 267 5.60 -12.76 3.86
N PRO A 268 5.39 -12.11 2.70
CA PRO A 268 5.81 -12.57 1.38
C PRO A 268 7.17 -12.06 0.90
N MET A 269 7.93 -11.40 1.79
CA MET A 269 9.34 -11.06 1.44
C MET A 269 10.14 -12.34 1.55
N THR A 270 11.17 -12.37 0.72
CA THR A 270 11.98 -13.60 0.51
C THR A 270 13.46 -13.31 0.59
N GLU A 271 14.26 -14.31 1.01
N GLU A 271 14.24 -14.37 0.88
CA GLU A 271 15.73 -14.09 1.07
CA GLU A 271 15.70 -14.23 0.86
C GLU A 271 16.29 -13.88 -0.38
C GLU A 271 16.23 -13.81 -0.51
N LEU A 272 17.29 -13.00 -0.50
CA LEU A 272 17.87 -12.55 -1.77
C LEU A 272 18.10 -13.73 -2.75
N SER A 273 17.66 -13.59 -4.00
CA SER A 273 17.85 -14.68 -4.98
C SER A 273 19.36 -15.01 -5.09
N GLU A 274 19.64 -16.31 -5.11
N GLU A 274 19.68 -16.31 -5.11
CA GLU A 274 21.00 -16.85 -5.20
CA GLU A 274 21.10 -16.77 -5.16
C GLU A 274 21.82 -16.21 -6.32
C GLU A 274 21.86 -16.14 -6.33
N LYS A 275 21.16 -15.79 -7.42
CA LYS A 275 21.82 -15.15 -8.57
C LYS A 275 22.57 -13.83 -8.25
N HIS A 276 22.18 -13.19 -7.13
CA HIS A 276 22.80 -11.92 -6.77
C HIS A 276 23.87 -12.03 -5.72
N HIS A 277 23.99 -13.22 -5.11
CA HIS A 277 24.89 -13.43 -3.99
C HIS A 277 26.37 -13.09 -4.36
N GLN A 278 26.78 -13.61 -5.51
N GLN A 278 26.90 -13.58 -5.45
CA GLN A 278 28.14 -13.44 -5.98
CA GLN A 278 28.35 -13.30 -5.68
C GLN A 278 28.49 -11.96 -6.00
C GLN A 278 28.66 -11.84 -6.14
N ALA A 279 27.73 -11.17 -6.77
CA ALA A 279 27.98 -9.69 -6.97
C ALA A 279 28.04 -8.93 -5.59
N LEU A 280 27.10 -9.25 -4.72
CA LEU A 280 27.08 -8.55 -3.44
C LEU A 280 28.21 -8.96 -2.51
N GLU A 281 28.57 -10.28 -2.48
CA GLU A 281 29.69 -10.70 -1.64
C GLU A 281 30.99 -9.96 -2.09
N LYS A 282 31.16 -9.84 -3.41
CA LYS A 282 32.31 -9.19 -4.09
C LYS A 282 32.39 -7.72 -3.57
N VAL A 283 31.28 -7.04 -3.64
CA VAL A 283 31.24 -5.61 -3.14
C VAL A 283 31.59 -5.49 -1.65
N LEU A 284 30.97 -6.33 -0.79
CA LEU A 284 31.23 -6.36 0.62
C LEU A 284 32.72 -6.64 0.93
N LYS A 285 33.30 -7.57 0.16
CA LYS A 285 34.73 -7.87 0.31
C LYS A 285 35.59 -6.68 -0.06
N ASN A 286 35.36 -6.09 -1.22
N ASN A 286 35.27 -6.08 -1.23
CA ASN A 286 36.15 -4.93 -1.65
CA ASN A 286 35.89 -4.86 -1.87
C ASN A 286 36.11 -3.80 -0.60
C ASN A 286 35.84 -3.56 -1.04
N LEU A 287 34.91 -3.53 -0.09
CA LEU A 287 34.77 -2.48 0.91
C LEU A 287 35.31 -2.92 2.24
N GLU A 288 35.85 -4.14 2.33
CA GLU A 288 36.42 -4.66 3.58
C GLU A 288 35.38 -4.80 4.71
N LEU A 289 34.12 -4.99 4.33
CA LEU A 289 33.05 -5.21 5.30
C LEU A 289 32.96 -6.68 5.65
N ILE A 290 33.50 -7.56 4.78
N ILE A 290 33.44 -7.53 4.73
CA ILE A 290 33.74 -8.95 5.15
CA ILE A 290 33.62 -8.97 4.98
C ILE A 290 35.16 -9.36 4.70
C ILE A 290 35.03 -9.35 4.50
N MET B 1 -16.87 -19.67 -11.66
N MET B 1 -16.44 -19.47 -10.99
CA MET B 1 -17.71 -19.88 -10.43
CA MET B 1 -17.60 -19.77 -10.09
C MET B 1 -18.66 -18.68 -10.30
C MET B 1 -18.59 -18.62 -10.13
N PHE B 2 -18.19 -17.54 -10.81
CA PHE B 2 -19.00 -16.32 -10.85
C PHE B 2 -19.04 -15.76 -12.26
N SER B 3 -19.97 -14.84 -12.51
CA SER B 3 -20.00 -14.25 -13.86
C SER B 3 -20.72 -12.91 -13.79
N GLY B 4 -20.54 -12.09 -14.83
CA GLY B 4 -21.45 -10.98 -14.95
C GLY B 4 -21.04 -9.80 -14.08
N SER B 5 -22.06 -9.10 -13.61
CA SER B 5 -21.77 -7.82 -12.90
C SER B 5 -21.65 -8.17 -11.42
N ILE B 6 -20.44 -7.99 -10.88
CA ILE B 6 -20.14 -8.34 -9.49
C ILE B 6 -19.77 -6.99 -8.80
N VAL B 7 -20.62 -6.57 -7.86
CA VAL B 7 -20.43 -5.18 -7.29
C VAL B 7 -19.37 -5.20 -6.17
N ALA B 8 -18.43 -4.28 -6.28
CA ALA B 8 -17.47 -4.06 -5.20
C ALA B 8 -18.23 -3.09 -4.25
N LEU B 9 -18.86 -3.65 -3.22
CA LEU B 9 -19.76 -2.84 -2.35
C LEU B 9 -18.99 -1.74 -1.59
N VAL B 10 -19.51 -0.51 -1.65
CA VAL B 10 -19.00 0.46 -0.64
C VAL B 10 -19.33 -0.08 0.79
N THR B 11 -18.65 0.46 1.81
CA THR B 11 -18.96 0.16 3.20
C THR B 11 -19.63 1.41 3.75
N PRO B 12 -20.94 1.38 3.90
CA PRO B 12 -21.64 2.56 4.45
C PRO B 12 -21.08 2.81 5.85
N MET B 13 -20.95 4.10 6.17
N MET B 13 -20.90 4.09 6.19
CA MET B 13 -20.36 4.56 7.44
CA MET B 13 -20.38 4.44 7.54
C MET B 13 -21.28 5.57 8.11
C MET B 13 -21.26 5.54 8.11
N ARG B 14 -21.33 5.58 9.43
CA ARG B 14 -22.06 6.64 10.16
C ARG B 14 -21.32 6.78 11.48
N ASN B 15 -20.97 8.02 11.81
CA ASN B 15 -20.23 8.29 13.08
C ASN B 15 -18.96 7.51 13.16
N ASP B 16 -18.31 7.37 11.99
CA ASP B 16 -17.03 6.63 11.87
C ASP B 16 -17.12 5.16 12.26
N SER B 17 -18.30 4.56 12.15
CA SER B 17 -18.48 3.13 12.43
C SER B 17 -19.19 2.59 11.22
N VAL B 18 -19.08 1.30 11.02
CA VAL B 18 -19.87 0.66 9.94
C VAL B 18 -21.36 0.89 10.16
N ASP B 19 -22.01 1.40 9.12
CA ASP B 19 -23.45 1.59 9.12
C ASP B 19 -24.13 0.29 8.65
N VAL B 20 -24.40 -0.59 9.62
CA VAL B 20 -24.96 -1.93 9.33
C VAL B 20 -26.37 -1.81 8.71
N HIS B 21 -27.17 -0.83 9.17
CA HIS B 21 -28.46 -0.59 8.54
C HIS B 21 -28.43 -0.35 7.05
N HIS B 22 -27.56 0.57 6.61
CA HIS B 22 -27.57 0.89 5.18
C HIS B 22 -26.83 -0.21 4.38
N LEU B 23 -25.91 -0.89 5.05
CA LEU B 23 -25.17 -2.02 4.39
C LEU B 23 -26.19 -3.12 4.08
N ARG B 24 -27.08 -3.41 5.03
CA ARG B 24 -28.15 -4.41 4.76
C ARG B 24 -29.07 -3.95 3.64
N GLU B 25 -29.44 -2.68 3.58
CA GLU B 25 -30.25 -2.19 2.50
C GLU B 25 -29.55 -2.38 1.16
N LEU B 26 -28.23 -2.11 1.11
CA LEU B 26 -27.50 -2.27 -0.16
C LEU B 26 -27.60 -3.73 -0.64
N VAL B 27 -27.48 -4.66 0.27
CA VAL B 27 -27.59 -6.14 -0.12
C VAL B 27 -28.99 -6.37 -0.76
N GLU B 28 -30.04 -5.83 -0.12
CA GLU B 28 -31.38 -6.01 -0.74
C GLU B 28 -31.53 -5.30 -2.07
N PHE B 29 -30.92 -4.11 -2.20
CA PHE B 29 -30.92 -3.33 -3.42
C PHE B 29 -30.31 -4.16 -4.56
N HIS B 30 -29.15 -4.80 -4.30
CA HIS B 30 -28.48 -5.59 -5.36
C HIS B 30 -29.25 -6.83 -5.76
N ILE B 31 -29.90 -7.43 -4.77
CA ILE B 31 -30.74 -8.63 -5.05
C ILE B 31 -31.90 -8.19 -5.93
N ALA B 32 -32.50 -7.06 -5.60
CA ALA B 32 -33.59 -6.56 -6.42
C ALA B 32 -33.24 -6.15 -7.85
N LYS B 33 -32.01 -5.67 -8.08
CA LYS B 33 -31.59 -5.09 -9.35
C LYS B 33 -30.97 -6.20 -10.22
N GLY B 34 -30.64 -7.33 -9.59
CA GLY B 34 -30.14 -8.50 -10.31
C GLY B 34 -28.62 -8.55 -10.45
N THR B 35 -27.91 -7.86 -9.56
CA THR B 35 -26.42 -7.99 -9.54
C THR B 35 -26.01 -9.47 -9.32
N HIS B 36 -24.93 -9.90 -9.96
CA HIS B 36 -24.64 -11.33 -10.01
C HIS B 36 -23.90 -11.89 -8.81
N ALA B 37 -23.14 -11.03 -8.12
CA ALA B 37 -22.49 -11.44 -6.85
C ALA B 37 -22.06 -10.16 -6.13
N LEU B 38 -21.74 -10.33 -4.85
CA LEU B 38 -21.36 -9.12 -4.05
C LEU B 38 -19.94 -9.28 -3.53
N VAL B 39 -19.06 -8.24 -3.69
CA VAL B 39 -17.77 -8.31 -2.99
C VAL B 39 -17.87 -7.41 -1.73
N ALA B 40 -17.61 -7.97 -0.55
CA ALA B 40 -17.64 -7.23 0.72
C ALA B 40 -16.24 -6.89 1.19
N ALA B 41 -16.02 -5.61 1.57
CA ALA B 41 -14.69 -5.22 2.12
C ALA B 41 -13.55 -5.31 1.12
N GLY B 42 -13.86 -4.95 -0.12
CA GLY B 42 -12.80 -4.72 -1.15
C GLY B 42 -12.30 -3.27 -1.06
N THR B 43 -11.60 -2.86 -2.13
CA THR B 43 -11.00 -1.53 -2.14
C THR B 43 -12.11 -0.47 -2.15
N THR B 44 -13.18 -0.77 -2.88
CA THR B 44 -14.32 0.21 -2.92
C THR B 44 -14.99 0.27 -1.55
N GLY B 45 -14.84 -0.77 -0.73
CA GLY B 45 -15.37 -0.82 0.66
C GLY B 45 -14.40 -0.27 1.69
N GLU B 46 -13.40 0.46 1.26
CA GLU B 46 -12.46 1.09 2.19
C GLU B 46 -11.67 0.09 3.05
N ALA B 47 -11.37 -1.13 2.48
CA ALA B 47 -10.60 -2.10 3.17
C ALA B 47 -9.30 -1.49 3.75
N GLY B 48 -8.74 -0.52 3.01
CA GLY B 48 -7.46 0.05 3.40
C GLY B 48 -7.50 0.82 4.73
N THR B 49 -8.70 1.23 5.17
CA THR B 49 -8.76 1.98 6.47
C THR B 49 -9.69 1.29 7.48
N LEU B 50 -10.24 0.13 7.12
CA LEU B 50 -11.04 -0.62 8.10
C LEU B 50 -10.17 -1.42 9.07
N SER B 51 -10.60 -1.51 10.35
CA SER B 51 -9.85 -2.41 11.21
C SER B 51 -10.18 -3.87 10.92
N HIS B 52 -9.45 -4.80 11.55
CA HIS B 52 -9.71 -6.21 11.28
C HIS B 52 -11.15 -6.56 11.72
N SER B 53 -11.55 -6.05 12.89
N SER B 53 -11.62 -6.09 12.90
CA SER B 53 -12.89 -6.23 13.38
CA SER B 53 -13.02 -6.35 13.31
C SER B 53 -13.98 -5.75 12.46
C SER B 53 -14.06 -5.75 12.40
N GLU B 54 -13.74 -4.58 11.86
CA GLU B 54 -14.66 -3.93 10.96
C GLU B 54 -14.79 -4.76 9.67
N LYS B 55 -13.65 -5.18 9.14
CA LYS B 55 -13.72 -6.03 7.91
C LYS B 55 -14.60 -7.24 8.18
N LEU B 56 -14.37 -7.91 9.33
CA LEU B 56 -15.23 -9.12 9.59
C LEU B 56 -16.70 -8.77 9.80
N LEU B 57 -16.96 -7.61 10.41
CA LEU B 57 -18.33 -7.17 10.55
C LEU B 57 -19.02 -6.86 9.19
N VAL B 58 -18.31 -6.21 8.28
CA VAL B 58 -18.87 -5.98 6.94
C VAL B 58 -19.18 -7.34 6.25
N ILE B 59 -18.18 -8.23 6.26
CA ILE B 59 -18.33 -9.54 5.57
C ILE B 59 -19.51 -10.30 6.19
N LYS B 60 -19.50 -10.42 7.55
CA LYS B 60 -20.63 -11.11 8.22
C LYS B 60 -21.99 -10.47 7.91
N THR B 61 -22.03 -9.15 7.94
CA THR B 61 -23.29 -8.44 7.66
C THR B 61 -23.85 -8.77 6.29
N VAL B 62 -22.96 -8.74 5.29
CA VAL B 62 -23.34 -9.01 3.92
C VAL B 62 -23.82 -10.47 3.76
N ILE B 63 -23.06 -11.39 4.33
CA ILE B 63 -23.38 -12.81 4.23
C ILE B 63 -24.78 -13.05 4.86
N GLU B 64 -24.98 -12.50 6.04
N GLU B 64 -24.99 -12.47 6.04
CA GLU B 64 -26.23 -12.77 6.77
CA GLU B 64 -26.20 -12.71 6.85
C GLU B 64 -27.40 -12.20 6.00
C GLU B 64 -27.45 -12.09 6.23
N GLN B 65 -27.29 -10.95 5.54
CA GLN B 65 -28.42 -10.34 4.84
C GLN B 65 -28.69 -11.06 3.53
N ALA B 66 -27.62 -11.50 2.84
CA ALA B 66 -27.85 -12.11 1.54
C ALA B 66 -28.73 -13.42 1.64
N LYS B 67 -28.57 -14.18 2.72
N LYS B 67 -28.53 -14.16 2.75
CA LYS B 67 -29.47 -15.35 2.93
CA LYS B 67 -29.24 -15.45 3.05
C LYS B 67 -29.35 -16.28 1.71
C LYS B 67 -29.29 -16.32 1.80
N GLU B 68 -28.11 -16.50 1.26
CA GLU B 68 -27.80 -17.34 0.07
C GLU B 68 -28.58 -17.03 -1.23
N ARG B 69 -29.14 -15.81 -1.35
CA ARG B 69 -29.83 -15.41 -2.56
C ARG B 69 -28.89 -14.90 -3.65
N VAL B 70 -27.68 -14.53 -3.23
CA VAL B 70 -26.68 -14.01 -4.13
C VAL B 70 -25.33 -14.41 -3.48
N PRO B 71 -24.39 -14.85 -4.32
CA PRO B 71 -23.10 -15.19 -3.75
C PRO B 71 -22.32 -13.99 -3.17
N VAL B 72 -21.53 -14.28 -2.17
CA VAL B 72 -20.72 -13.29 -1.50
C VAL B 72 -19.24 -13.63 -1.52
N ILE B 73 -18.46 -12.65 -2.05
CA ILE B 73 -17.00 -12.81 -2.08
C ILE B 73 -16.37 -11.86 -1.01
N ALA B 74 -15.48 -12.31 -0.18
CA ALA B 74 -14.92 -11.43 0.89
C ALA B 74 -13.53 -10.98 0.56
N GLY B 75 -13.33 -9.65 0.68
CA GLY B 75 -11.95 -9.17 0.57
C GLY B 75 -11.17 -9.53 1.81
N THR B 76 -10.05 -10.24 1.63
CA THR B 76 -9.28 -10.71 2.77
C THR B 76 -7.75 -10.49 2.67
N ALA B 77 -7.32 -9.55 1.78
CA ALA B 77 -5.86 -9.25 1.72
C ALA B 77 -5.31 -8.74 3.04
N MET B 78 -4.13 -9.25 3.37
N MET B 78 -4.16 -9.26 3.44
CA MET B 78 -3.25 -8.61 4.34
CA MET B 78 -3.29 -8.58 4.44
C MET B 78 -1.87 -8.69 3.78
C MET B 78 -1.87 -8.78 3.97
N ASN B 79 -0.99 -7.81 4.25
CA ASN B 79 0.38 -7.88 3.69
C ASN B 79 1.15 -9.10 4.08
N ALA B 80 1.15 -9.44 5.36
CA ALA B 80 1.92 -10.60 5.77
C ALA B 80 1.12 -11.87 5.46
N THR B 81 1.80 -12.88 4.93
CA THR B 81 1.11 -14.09 4.49
C THR B 81 0.34 -14.72 5.67
N LYS B 82 1.00 -14.77 6.83
CA LYS B 82 0.31 -15.41 7.98
C LYS B 82 -0.95 -14.66 8.40
N ASP B 83 -0.96 -13.33 8.29
CA ASP B 83 -2.14 -12.61 8.64
C ASP B 83 -3.24 -12.77 7.60
N CYS B 84 -2.83 -12.83 6.33
CA CYS B 84 -3.83 -13.07 5.25
C CYS B 84 -4.49 -14.45 5.43
N ILE B 85 -3.68 -15.44 5.80
CA ILE B 85 -4.23 -16.80 6.05
C ILE B 85 -5.37 -16.66 7.15
N GLU B 86 -5.08 -15.92 8.23
N GLU B 86 -5.06 -15.93 8.22
CA GLU B 86 -6.06 -15.80 9.37
CA GLU B 86 -6.02 -15.81 9.36
C GLU B 86 -7.36 -15.10 8.96
C GLU B 86 -7.33 -15.16 8.90
N LEU B 87 -7.24 -14.04 8.16
CA LEU B 87 -8.44 -13.33 7.74
C LEU B 87 -9.23 -14.18 6.75
N THR B 88 -8.49 -14.82 5.83
CA THR B 88 -9.15 -15.64 4.82
C THR B 88 -9.89 -16.82 5.45
N GLN B 89 -9.21 -17.48 6.41
CA GLN B 89 -9.88 -18.53 7.20
C GLN B 89 -11.15 -18.05 7.88
N GLN B 90 -11.10 -16.89 8.57
N GLN B 90 -11.09 -16.90 8.57
CA GLN B 90 -12.30 -16.38 9.19
CA GLN B 90 -12.30 -16.39 9.18
C GLN B 90 -13.44 -16.15 8.18
C GLN B 90 -13.44 -16.16 8.17
N ALA B 91 -13.11 -15.56 7.01
CA ALA B 91 -14.12 -15.31 6.00
C ALA B 91 -14.76 -16.65 5.54
N MET B 92 -13.93 -17.66 5.37
N MET B 92 -13.95 -17.68 5.34
CA MET B 92 -14.38 -18.96 4.93
CA MET B 92 -14.46 -18.98 4.93
C MET B 92 -15.35 -19.55 5.96
C MET B 92 -15.43 -19.49 5.98
N GLU B 93 -15.00 -19.39 7.24
CA GLU B 93 -15.82 -19.89 8.39
C GLU B 93 -17.15 -19.15 8.47
N TYR B 94 -17.18 -17.86 8.11
CA TYR B 94 -18.40 -17.13 8.12
C TYR B 94 -19.32 -17.50 6.97
N GLY B 95 -18.77 -18.20 5.96
CA GLY B 95 -19.60 -18.68 4.83
C GLY B 95 -19.38 -18.00 3.49
N ALA B 96 -18.34 -17.16 3.42
CA ALA B 96 -18.07 -16.46 2.12
C ALA B 96 -17.86 -17.53 1.05
N HIS B 97 -18.31 -17.21 -0.18
CA HIS B 97 -18.20 -18.25 -1.27
C HIS B 97 -16.82 -18.26 -1.84
N ALA B 98 -16.12 -17.10 -1.78
CA ALA B 98 -14.71 -17.06 -2.22
C ALA B 98 -14.06 -15.88 -1.48
N ALA B 99 -12.74 -15.86 -1.51
CA ALA B 99 -11.99 -14.73 -0.93
C ALA B 99 -11.28 -13.99 -2.09
N LEU B 100 -11.50 -12.67 -2.15
CA LEU B 100 -10.79 -11.79 -3.14
C LEU B 100 -9.54 -11.30 -2.42
N ILE B 101 -8.36 -11.60 -2.99
CA ILE B 101 -7.10 -11.34 -2.29
C ILE B 101 -6.18 -10.48 -3.10
N MET B 102 -6.22 -9.19 -2.78
CA MET B 102 -5.27 -8.28 -3.41
C MET B 102 -3.82 -8.67 -3.09
N THR B 103 -2.86 -8.37 -4.00
CA THR B 103 -1.47 -8.53 -3.66
C THR B 103 -1.14 -7.69 -2.41
N PRO B 104 -0.04 -8.02 -1.71
CA PRO B 104 0.55 -7.07 -0.73
C PRO B 104 0.81 -5.73 -1.40
N ALA B 105 0.64 -4.65 -0.59
CA ALA B 105 0.81 -3.32 -1.06
C ALA B 105 2.05 -2.77 -0.43
N TYR B 106 2.73 -1.96 -1.22
N TYR B 106 2.72 -1.92 -1.20
CA TYR B 106 3.79 -1.08 -0.73
CA TYR B 106 3.87 -1.09 -0.81
C TYR B 106 5.15 -1.79 -0.47
C TYR B 106 5.18 -1.83 -0.57
N ILE B 107 5.10 -3.05 -0.03
CA ILE B 107 6.32 -3.81 0.30
C ILE B 107 6.98 -4.48 -0.92
N LYS B 108 6.18 -4.64 -1.99
N LYS B 108 6.24 -4.59 -2.04
CA LYS B 108 6.72 -4.98 -3.30
CA LYS B 108 6.86 -4.99 -3.32
C LYS B 108 7.50 -6.33 -3.27
C LYS B 108 7.55 -6.36 -3.26
N PRO B 109 6.76 -7.41 -3.00
CA PRO B 109 7.44 -8.75 -3.02
C PRO B 109 7.90 -9.09 -4.45
N THR B 110 8.77 -10.06 -4.50
CA THR B 110 9.18 -10.62 -5.78
C THR B 110 8.10 -11.54 -6.30
N GLN B 111 8.24 -11.95 -7.57
CA GLN B 111 7.19 -12.85 -8.09
C GLN B 111 7.22 -14.19 -7.35
N GLU B 112 8.41 -14.64 -6.97
CA GLU B 112 8.45 -15.83 -6.13
C GLU B 112 7.74 -15.62 -4.78
N GLY B 113 7.95 -14.47 -4.16
CA GLY B 113 7.23 -14.18 -2.95
C GLY B 113 5.70 -14.11 -3.17
N LEU B 114 5.21 -13.61 -4.32
CA LEU B 114 3.79 -13.66 -4.57
C LEU B 114 3.31 -15.14 -4.75
N TYR B 115 4.14 -15.96 -5.42
CA TYR B 115 3.71 -17.38 -5.59
C TYR B 115 3.66 -18.04 -4.20
N LEU B 116 4.65 -17.79 -3.34
CA LEU B 116 4.63 -18.37 -1.97
C LEU B 116 3.43 -17.88 -1.17
N HIS B 117 3.17 -16.55 -1.23
CA HIS B 117 2.03 -15.92 -0.56
C HIS B 117 0.75 -16.66 -0.89
N TYR B 118 0.40 -16.72 -2.20
CA TYR B 118 -0.91 -17.22 -2.52
C TYR B 118 -0.93 -18.77 -2.41
N SER B 119 0.18 -19.43 -2.69
CA SER B 119 0.18 -20.92 -2.53
C SER B 119 0.02 -21.31 -1.05
N HIS B 120 0.68 -20.58 -0.16
CA HIS B 120 0.47 -20.85 1.27
C HIS B 120 -0.96 -20.54 1.70
N ILE B 121 -1.55 -19.44 1.20
CA ILE B 121 -2.93 -19.18 1.60
C ILE B 121 -3.84 -20.30 1.14
N ALA B 122 -3.67 -20.66 -0.16
CA ALA B 122 -4.56 -21.67 -0.81
C ALA B 122 -4.44 -23.03 -0.07
N GLN B 123 -3.19 -23.37 0.28
N GLN B 123 -3.24 -23.40 0.30
CA GLN B 123 -2.86 -24.62 1.01
CA GLN B 123 -3.09 -24.69 0.96
C GLN B 123 -3.56 -24.67 2.35
C GLN B 123 -3.55 -24.68 2.39
N SER B 124 -3.61 -23.49 2.99
CA SER B 124 -4.05 -23.41 4.41
C SER B 124 -5.52 -23.25 4.59
N VAL B 125 -6.19 -22.72 3.60
CA VAL B 125 -7.60 -22.39 3.77
C VAL B 125 -8.42 -22.95 2.60
N ALA B 126 -9.37 -23.83 2.92
CA ALA B 126 -10.17 -24.52 1.90
C ALA B 126 -11.33 -23.66 1.41
N ILE B 127 -10.95 -22.60 0.68
CA ILE B 127 -11.96 -21.69 0.08
C ILE B 127 -11.45 -21.34 -1.31
N PRO B 128 -12.37 -21.12 -2.26
CA PRO B 128 -11.93 -20.55 -3.57
C PRO B 128 -11.32 -19.16 -3.38
N ILE B 129 -10.29 -18.89 -4.17
CA ILE B 129 -9.53 -17.66 -4.06
C ILE B 129 -9.51 -16.96 -5.41
N ILE B 130 -9.84 -15.66 -5.39
CA ILE B 130 -9.69 -14.83 -6.64
C ILE B 130 -8.53 -13.88 -6.38
N LEU B 131 -7.48 -14.01 -7.17
CA LEU B 131 -6.36 -13.11 -7.04
C LEU B 131 -6.80 -11.69 -7.43
N TYR B 132 -6.10 -10.67 -6.93
CA TYR B 132 -6.44 -9.32 -7.33
C TYR B 132 -5.18 -8.49 -7.54
N ASN B 133 -4.97 -8.12 -8.82
CA ASN B 133 -3.79 -7.41 -9.25
C ASN B 133 -4.15 -5.96 -9.62
N VAL B 134 -3.54 -5.03 -8.91
CA VAL B 134 -3.86 -3.58 -9.13
C VAL B 134 -2.55 -2.76 -8.84
N PRO B 135 -1.55 -2.89 -9.75
CA PRO B 135 -0.22 -2.33 -9.47
C PRO B 135 -0.26 -0.78 -9.39
N GLY B 136 -1.29 -0.18 -10.02
CA GLY B 136 -1.42 1.30 -9.91
C GLY B 136 -1.69 1.71 -8.48
N ARG B 137 -2.13 0.79 -7.62
CA ARG B 137 -2.30 1.14 -6.17
C ARG B 137 -1.22 0.51 -5.31
N THR B 138 -0.84 -0.74 -5.66
CA THR B 138 0.01 -1.48 -4.73
C THR B 138 1.51 -1.43 -4.99
N ALA B 139 1.87 -0.89 -6.16
CA ALA B 139 3.23 -0.94 -6.71
C ALA B 139 3.74 -2.36 -6.94
N CYS B 140 2.85 -3.33 -7.04
CA CYS B 140 3.26 -4.74 -7.30
C CYS B 140 2.43 -5.19 -8.50
N ASP B 141 3.14 -5.54 -9.58
CA ASP B 141 2.44 -6.14 -10.72
C ASP B 141 2.67 -7.65 -10.78
N MET B 142 1.61 -8.42 -10.45
N MET B 142 1.64 -8.42 -10.43
CA MET B 142 1.69 -9.89 -10.57
CA MET B 142 1.82 -9.86 -10.52
C MET B 142 1.69 -10.28 -12.04
C MET B 142 1.73 -10.25 -12.01
N LEU B 143 2.79 -10.86 -12.52
CA LEU B 143 2.89 -11.07 -13.98
C LEU B 143 2.13 -12.27 -14.43
N PRO B 144 1.66 -12.30 -15.71
CA PRO B 144 0.92 -13.43 -16.24
C PRO B 144 1.64 -14.77 -16.00
N GLU B 145 2.97 -14.79 -16.12
N GLU B 145 2.98 -14.83 -16.15
CA GLU B 145 3.68 -16.06 -15.87
CA GLU B 145 3.63 -16.15 -15.91
C GLU B 145 3.42 -16.60 -14.47
C GLU B 145 3.41 -16.62 -14.45
N THR B 146 3.38 -15.67 -13.50
CA THR B 146 3.09 -16.04 -12.12
C THR B 146 1.64 -16.48 -11.94
N VAL B 147 0.73 -15.78 -12.64
CA VAL B 147 -0.71 -16.17 -12.60
C VAL B 147 -0.90 -17.59 -13.16
N ALA B 148 -0.16 -17.90 -14.26
CA ALA B 148 -0.28 -19.26 -14.87
C ALA B 148 0.24 -20.36 -13.89
N ARG B 149 1.27 -20.04 -13.11
CA ARG B 149 1.68 -21.02 -12.05
C ARG B 149 0.59 -21.18 -10.98
N LEU B 150 0.02 -20.03 -10.57
CA LEU B 150 -0.97 -20.09 -9.46
C LEU B 150 -2.27 -20.81 -9.91
N ALA B 151 -2.60 -20.79 -11.22
CA ALA B 151 -3.82 -21.40 -11.75
C ALA B 151 -3.74 -22.92 -11.58
N LYS B 152 -2.51 -23.45 -11.42
CA LYS B 152 -2.32 -24.90 -11.14
C LYS B 152 -2.64 -25.26 -9.70
N ILE B 153 -2.94 -24.27 -8.85
CA ILE B 153 -3.41 -24.55 -7.50
C ILE B 153 -4.95 -24.43 -7.54
N SER B 154 -5.59 -25.58 -7.31
CA SER B 154 -6.96 -25.70 -7.81
C SER B 154 -7.98 -24.78 -7.08
N ASN B 155 -7.72 -24.38 -5.85
CA ASN B 155 -8.65 -23.42 -5.24
C ASN B 155 -8.40 -21.99 -5.68
N ILE B 156 -7.36 -21.75 -6.48
CA ILE B 156 -7.24 -20.38 -7.14
C ILE B 156 -8.08 -20.43 -8.45
N ILE B 157 -9.26 -19.80 -8.41
CA ILE B 157 -10.28 -19.93 -9.45
C ILE B 157 -10.27 -18.77 -10.44
N GLY B 158 -9.72 -17.63 -10.02
CA GLY B 158 -10.02 -16.36 -10.77
C GLY B 158 -8.90 -15.35 -10.49
N ILE B 159 -8.79 -14.36 -11.40
CA ILE B 159 -8.05 -13.15 -11.10
C ILE B 159 -8.84 -11.92 -11.52
N GLU B 161 -8.20 -8.58 -12.55
CA GLU B 161 -7.02 -7.89 -13.18
C GLU B 161 -7.52 -6.48 -13.46
N ALA B 162 -6.96 -5.50 -12.73
CA ALA B 162 -7.48 -4.13 -12.69
C ALA B 162 -6.71 -3.16 -13.56
N THR B 163 -5.77 -3.70 -14.37
CA THR B 163 -4.97 -2.80 -15.20
C THR B 163 -5.73 -2.11 -16.34
N GLY B 164 -6.78 -2.76 -16.89
CA GLY B 164 -7.50 -2.14 -18.01
C GLY B 164 -6.67 -2.25 -19.29
N GLN B 165 -5.60 -3.07 -19.29
CA GLN B 165 -4.74 -3.17 -20.50
C GLN B 165 -5.03 -4.43 -21.26
N MET B 166 -5.57 -4.27 -22.47
CA MET B 166 -6.03 -5.42 -23.25
C MET B 166 -4.92 -6.45 -23.45
N THR B 167 -3.69 -6.02 -23.72
CA THR B 167 -2.61 -7.05 -23.92
C THR B 167 -2.41 -7.92 -22.69
N ARG B 168 -2.69 -7.34 -21.49
CA ARG B 168 -2.57 -8.12 -20.23
C ARG B 168 -3.66 -9.21 -20.13
N LEU B 169 -4.92 -8.84 -20.41
CA LEU B 169 -5.99 -9.89 -20.50
C LEU B 169 -5.57 -10.96 -21.54
N GLN B 170 -5.11 -10.49 -22.71
N GLN B 170 -5.12 -10.55 -22.72
CA GLN B 170 -4.76 -11.40 -23.78
CA GLN B 170 -4.88 -11.58 -23.71
C GLN B 170 -3.69 -12.41 -23.34
C GLN B 170 -3.67 -12.47 -23.33
N GLN B 171 -2.66 -11.90 -22.66
CA GLN B 171 -1.47 -12.76 -22.29
C GLN B 171 -1.92 -13.78 -21.22
N ILE B 172 -2.77 -13.35 -20.25
CA ILE B 172 -3.28 -14.37 -19.26
C ILE B 172 -4.04 -15.48 -20.02
N LEU B 173 -4.98 -15.08 -20.87
CA LEU B 173 -5.76 -16.08 -21.63
C LEU B 173 -4.86 -17.02 -22.44
N ARG B 174 -3.82 -16.44 -23.04
N ARG B 174 -3.81 -16.46 -23.05
CA ARG B 174 -2.93 -17.23 -23.90
CA ARG B 174 -2.89 -17.25 -23.88
C ARG B 174 -2.10 -18.23 -23.07
C ARG B 174 -2.14 -18.27 -23.04
N LEU B 175 -1.63 -17.81 -21.91
CA LEU B 175 -0.74 -18.66 -21.10
C LEU B 175 -1.60 -19.70 -20.39
N CYS B 176 -2.84 -19.36 -20.03
CA CYS B 176 -3.64 -20.21 -19.13
C CYS B 176 -4.62 -21.11 -19.86
N GLU B 177 -5.08 -20.67 -21.06
CA GLU B 177 -6.05 -21.44 -21.91
C GLU B 177 -7.24 -21.94 -21.09
N GLY B 178 -7.78 -21.08 -20.22
CA GLY B 178 -8.99 -21.42 -19.45
C GLY B 178 -8.76 -21.95 -18.04
N SER B 179 -7.49 -22.16 -17.68
N SER B 179 -7.50 -22.17 -17.67
CA SER B 179 -7.13 -22.64 -16.35
CA SER B 179 -7.17 -22.65 -16.33
C SER B 179 -7.44 -21.66 -15.20
C SER B 179 -7.48 -21.67 -15.19
N ILE B 180 -7.78 -20.41 -15.54
CA ILE B 180 -8.19 -19.43 -14.50
C ILE B 180 -9.17 -18.46 -15.15
N ASP B 181 -10.20 -18.07 -14.43
CA ASP B 181 -11.11 -17.05 -14.97
C ASP B 181 -10.51 -15.65 -14.77
N VAL B 182 -10.68 -14.80 -15.77
CA VAL B 182 -10.29 -13.41 -15.62
C VAL B 182 -11.51 -12.55 -15.46
N TYR B 183 -11.51 -11.75 -14.39
CA TYR B 183 -12.53 -10.71 -14.18
C TYR B 183 -11.93 -9.29 -14.43
N SER B 184 -12.60 -8.44 -15.21
CA SER B 184 -12.17 -7.07 -15.34
C SER B 184 -12.22 -6.43 -13.91
N GLY B 185 -11.22 -5.63 -13.57
CA GLY B 185 -11.31 -4.75 -12.36
C GLY B 185 -11.32 -3.27 -12.80
N ASP B 186 -11.76 -3.00 -14.05
CA ASP B 186 -11.71 -1.63 -14.55
C ASP B 186 -13.00 -1.37 -15.36
N ASP B 187 -13.97 -0.68 -14.73
CA ASP B 187 -15.20 -0.39 -15.41
C ASP B 187 -15.02 0.29 -16.75
N LEU B 188 -13.97 1.15 -16.85
CA LEU B 188 -13.86 1.90 -18.09
C LEU B 188 -13.58 1.03 -19.31
N THR B 189 -12.99 -0.18 -19.14
CA THR B 189 -12.66 -1.03 -20.29
C THR B 189 -13.41 -2.36 -20.15
N ALA B 190 -14.44 -2.41 -19.28
CA ALA B 190 -15.01 -3.70 -18.93
C ALA B 190 -15.75 -4.34 -20.14
N ALA B 191 -16.45 -3.57 -20.98
CA ALA B 191 -17.15 -4.21 -22.10
C ALA B 191 -16.20 -4.90 -23.07
N GLN B 192 -15.07 -4.24 -23.44
CA GLN B 192 -14.20 -4.87 -24.37
C GLN B 192 -13.62 -6.14 -23.72
N TRP B 193 -13.35 -6.06 -22.39
CA TRP B 193 -12.89 -7.32 -21.73
C TRP B 193 -13.91 -8.46 -21.74
N LEU B 194 -15.16 -8.15 -21.41
CA LEU B 194 -16.25 -9.13 -21.43
C LEU B 194 -16.51 -9.74 -22.81
N LEU B 195 -16.20 -8.97 -23.85
CA LEU B 195 -16.42 -9.41 -25.19
C LEU B 195 -15.19 -10.16 -25.69
N SER B 196 -14.11 -10.20 -24.88
CA SER B 196 -12.79 -10.75 -25.37
C SER B 196 -12.31 -11.84 -24.40
N GLY B 197 -13.22 -12.43 -23.60
CA GLY B 197 -12.86 -13.61 -22.85
C GLY B 197 -12.93 -13.47 -21.32
N ALA B 198 -13.10 -12.25 -20.84
CA ALA B 198 -13.28 -12.09 -19.37
C ALA B 198 -14.66 -12.64 -18.96
N LYS B 199 -14.76 -13.19 -17.75
CA LYS B 199 -15.99 -13.82 -17.27
C LYS B 199 -16.97 -12.87 -16.57
N GLY B 200 -16.44 -11.71 -16.19
CA GLY B 200 -17.30 -10.80 -15.42
C GLY B 200 -16.48 -9.55 -15.09
N VAL B 201 -17.13 -8.64 -14.38
CA VAL B 201 -16.45 -7.41 -13.97
C VAL B 201 -16.74 -7.22 -12.49
N ILE B 202 -15.66 -6.98 -11.72
CA ILE B 202 -15.86 -6.60 -10.33
C ILE B 202 -15.85 -5.07 -10.37
N SER B 203 -17.04 -4.49 -10.16
CA SER B 203 -17.36 -3.16 -10.67
C SER B 203 -17.62 -2.16 -9.50
N VAL B 204 -17.12 -0.96 -9.73
CA VAL B 204 -17.51 0.21 -8.91
C VAL B 204 -18.83 0.77 -9.39
N THR B 205 -18.94 0.92 -10.69
CA THR B 205 -20.17 1.55 -11.28
C THR B 205 -21.48 0.83 -10.95
N ALA B 206 -21.37 -0.48 -10.72
CA ALA B 206 -22.52 -1.25 -10.36
C ALA B 206 -23.14 -0.85 -9.03
N ASN B 207 -22.38 -0.11 -8.20
CA ASN B 207 -22.95 0.38 -6.95
C ASN B 207 -24.10 1.35 -7.20
N VAL B 208 -24.05 2.00 -8.36
N VAL B 208 -24.04 2.05 -8.31
CA VAL B 208 -24.91 3.18 -8.73
CA VAL B 208 -25.09 3.01 -8.59
C VAL B 208 -25.86 2.84 -9.90
C VAL B 208 -25.98 2.52 -9.73
N ALA B 209 -25.36 2.05 -10.82
CA ALA B 209 -26.09 1.65 -12.08
C ALA B 209 -26.19 0.12 -12.17
N ALA B 210 -26.74 -0.47 -11.13
CA ALA B 210 -26.69 -1.94 -10.93
C ALA B 210 -27.49 -2.65 -12.06
N LYS B 211 -28.66 -2.11 -12.40
CA LYS B 211 -29.50 -2.76 -13.45
C LYS B 211 -28.80 -2.67 -14.85
N LEU B 212 -28.22 -1.50 -15.16
CA LEU B 212 -27.60 -1.33 -16.44
C LEU B 212 -26.31 -2.17 -16.53
N MET B 213 -25.58 -2.25 -15.42
CA MET B 213 -24.32 -3.05 -15.45
C MET B 213 -24.66 -4.51 -15.65
N ALA B 214 -25.71 -4.97 -14.93
CA ALA B 214 -26.12 -6.35 -15.08
C ALA B 214 -26.57 -6.65 -16.55
N LYS B 215 -27.29 -5.73 -17.18
N LYS B 215 -27.29 -5.68 -17.15
CA LYS B 215 -27.74 -5.99 -18.56
CA LYS B 215 -27.77 -5.78 -18.54
C LYS B 215 -26.53 -5.89 -19.52
C LYS B 215 -26.61 -5.85 -19.50
N MET B 216 -25.67 -4.92 -19.29
N MET B 216 -25.66 -4.94 -19.36
CA MET B 216 -24.43 -4.85 -20.12
CA MET B 216 -24.50 -4.97 -20.28
C MET B 216 -23.68 -6.20 -20.12
C MET B 216 -23.71 -6.28 -20.15
N CYS B 217 -23.53 -6.77 -18.92
CA CYS B 217 -22.83 -8.04 -18.79
C CYS B 217 -23.63 -9.20 -19.38
N ASP B 218 -24.97 -9.23 -19.16
CA ASP B 218 -25.81 -10.27 -19.78
C ASP B 218 -25.69 -10.27 -21.31
N LEU B 219 -25.65 -9.08 -21.92
CA LEU B 219 -25.59 -8.98 -23.36
C LEU B 219 -24.22 -9.50 -23.82
N ALA B 220 -23.14 -9.18 -23.08
CA ALA B 220 -21.77 -9.72 -23.43
C ALA B 220 -21.82 -11.24 -23.37
N MET B 221 -22.51 -11.76 -22.35
CA MET B 221 -22.62 -13.23 -22.20
C MET B 221 -23.47 -13.88 -23.30
N ASP B 222 -24.43 -13.17 -23.88
CA ASP B 222 -25.25 -13.64 -24.98
C ASP B 222 -24.55 -13.40 -26.34
N ASP B 223 -23.30 -12.99 -26.36
N ASP B 223 -23.24 -13.03 -26.24
CA ASP B 223 -22.64 -12.72 -27.64
CA ASP B 223 -22.31 -12.39 -27.27
C ASP B 223 -23.40 -11.64 -28.43
C ASP B 223 -22.96 -11.42 -28.26
N ASP B 224 -23.87 -10.59 -27.73
CA ASP B 224 -24.47 -9.51 -28.47
C ASP B 224 -23.53 -8.31 -28.33
N GLN B 225 -22.54 -8.21 -29.21
CA GLN B 225 -21.58 -7.13 -29.10
C GLN B 225 -22.25 -5.75 -29.16
N ALA B 226 -23.14 -5.54 -30.13
CA ALA B 226 -23.66 -4.16 -30.29
C ALA B 226 -24.47 -3.77 -29.08
N GLY B 227 -25.29 -4.67 -28.55
CA GLY B 227 -26.19 -4.34 -27.43
C GLY B 227 -25.26 -4.08 -26.21
N CYS B 228 -24.25 -4.94 -26.02
CA CYS B 228 -23.35 -4.72 -24.90
C CYS B 228 -22.65 -3.34 -24.99
N LEU B 229 -22.07 -3.06 -26.16
CA LEU B 229 -21.33 -1.80 -26.35
C LEU B 229 -22.23 -0.57 -26.25
N ARG B 230 -23.49 -0.74 -26.62
N ARG B 230 -23.48 -0.75 -26.61
CA ARG B 230 -24.44 0.36 -26.54
CA ARG B 230 -24.41 0.36 -26.54
C ARG B 230 -24.63 0.83 -25.08
C ARG B 230 -24.62 0.76 -25.08
N ILE B 231 -24.81 -0.13 -24.19
N ILE B 231 -24.81 -0.23 -24.22
CA ILE B 231 -24.96 0.21 -22.77
CA ILE B 231 -24.98 0.10 -22.80
C ILE B 231 -23.62 0.74 -22.24
C ILE B 231 -23.67 0.65 -22.21
N GLN B 232 -22.51 0.16 -22.68
CA GLN B 232 -21.21 0.64 -22.16
C GLN B 232 -21.05 2.09 -22.59
N GLU B 233 -21.44 2.44 -23.81
N GLU B 233 -21.49 2.43 -23.81
CA GLU B 233 -21.32 3.86 -24.18
CA GLU B 233 -21.45 3.84 -24.25
C GLU B 233 -22.29 4.78 -23.39
C GLU B 233 -22.29 4.76 -23.36
N GLN B 234 -23.47 4.26 -23.02
CA GLN B 234 -24.42 5.00 -22.15
C GLN B 234 -23.79 5.24 -20.75
N LEU B 235 -23.03 4.25 -20.30
CA LEU B 235 -22.41 4.33 -18.95
C LEU B 235 -21.08 5.06 -18.91
N MET B 236 -20.42 5.21 -20.06
CA MET B 236 -19.06 5.73 -20.08
C MET B 236 -18.85 7.09 -19.37
N PRO B 237 -19.79 8.02 -19.55
CA PRO B 237 -19.61 9.30 -18.78
C PRO B 237 -19.65 9.10 -17.24
N LEU B 238 -20.44 8.14 -16.77
CA LEU B 238 -20.50 7.76 -15.37
C LEU B 238 -19.21 7.06 -14.99
N HIS B 239 -18.76 6.09 -15.79
CA HIS B 239 -17.48 5.40 -15.46
C HIS B 239 -16.37 6.43 -15.26
N GLU B 240 -16.27 7.36 -16.19
N GLU B 240 -16.25 7.37 -16.19
CA GLU B 240 -15.21 8.34 -16.12
CA GLU B 240 -15.16 8.35 -16.10
C GLU B 240 -15.24 9.15 -14.82
C GLU B 240 -15.22 9.19 -14.82
N LEU B 241 -16.41 9.69 -14.48
CA LEU B 241 -16.58 10.51 -13.29
C LEU B 241 -16.35 9.73 -11.99
N LEU B 242 -16.58 8.40 -12.02
CA LEU B 242 -16.41 7.64 -10.80
C LEU B 242 -14.94 7.47 -10.42
N PHE B 243 -14.03 7.86 -11.30
CA PHE B 243 -12.61 7.86 -10.95
C PHE B 243 -11.95 9.21 -11.01
N VAL B 244 -12.76 10.26 -10.95
CA VAL B 244 -12.23 11.63 -11.09
C VAL B 244 -11.36 12.00 -9.86
N GLU B 245 -11.69 11.42 -8.71
CA GLU B 245 -10.82 11.40 -7.51
C GLU B 245 -10.82 9.94 -7.11
N SER B 246 -9.87 9.58 -6.29
CA SER B 246 -9.70 8.13 -6.01
C SER B 246 -10.98 7.45 -5.54
N ASN B 247 -11.27 6.32 -6.20
CA ASN B 247 -12.35 5.46 -5.76
C ASN B 247 -12.07 5.05 -4.28
N PRO B 248 -13.08 5.12 -3.34
CA PRO B 248 -14.56 5.29 -3.59
C PRO B 248 -15.07 6.70 -3.30
N ILE B 249 -14.20 7.69 -3.50
CA ILE B 249 -14.69 9.10 -3.17
C ILE B 249 -15.86 9.47 -4.10
N PRO B 250 -15.73 9.28 -5.44
CA PRO B 250 -16.93 9.76 -6.21
C PRO B 250 -18.15 8.86 -6.01
N VAL B 251 -17.94 7.52 -5.99
CA VAL B 251 -19.08 6.65 -5.89
C VAL B 251 -19.90 6.90 -4.63
N LYS B 252 -19.23 7.24 -3.52
CA LYS B 252 -20.00 7.46 -2.28
C LYS B 252 -20.81 8.77 -2.40
N TRP B 253 -20.27 9.74 -3.11
CA TRP B 253 -21.03 11.02 -3.36
C TRP B 253 -22.28 10.69 -4.17
N ALA B 254 -22.12 9.91 -5.24
CA ALA B 254 -23.26 9.58 -6.15
C ALA B 254 -24.29 8.83 -5.32
N MET B 255 -23.86 7.89 -4.45
CA MET B 255 -24.80 7.06 -3.68
C MET B 255 -25.52 7.95 -2.64
N LYS B 256 -24.81 8.94 -2.13
N LYS B 256 -24.78 8.83 -1.99
CA LYS B 256 -25.44 9.98 -1.26
CA LYS B 256 -25.42 9.74 -0.98
C LYS B 256 -26.52 10.73 -2.04
C LYS B 256 -26.53 10.56 -1.65
N LYS B 257 -26.18 11.14 -3.26
N LYS B 257 -26.27 11.08 -2.85
CA LYS B 257 -27.14 11.91 -4.08
CA LYS B 257 -27.29 11.85 -3.61
C LYS B 257 -28.39 11.07 -4.36
C LYS B 257 -28.48 10.98 -3.92
N MET B 258 -28.22 9.74 -4.35
CA MET B 258 -29.29 8.80 -4.62
C MET B 258 -30.06 8.37 -3.36
N GLY B 259 -29.60 8.83 -2.19
CA GLY B 259 -30.26 8.48 -0.94
C GLY B 259 -29.99 7.09 -0.38
N LEU B 260 -28.96 6.42 -0.92
CA LEU B 260 -28.69 5.06 -0.52
C LEU B 260 -27.82 4.91 0.72
N ILE B 261 -26.99 5.94 0.97
CA ILE B 261 -26.08 5.92 2.12
C ILE B 261 -25.86 7.38 2.59
N GLY B 262 -25.23 7.49 3.75
CA GLY B 262 -24.82 8.85 4.25
C GLY B 262 -23.64 9.50 3.53
N GLY B 263 -22.84 8.71 2.84
CA GLY B 263 -21.72 9.31 2.01
C GLY B 263 -20.52 9.78 2.83
N GLU B 264 -20.29 9.16 3.98
CA GLU B 264 -19.14 9.52 4.79
C GLU B 264 -17.93 8.63 4.45
N LEU B 265 -16.74 9.26 4.40
CA LEU B 265 -15.48 8.53 4.16
C LEU B 265 -14.57 8.69 5.35
N ARG B 266 -13.86 7.62 5.68
CA ARG B 266 -12.91 7.70 6.77
C ARG B 266 -11.62 8.40 6.32
N LEU B 267 -11.14 9.35 7.13
CA LEU B 267 -9.87 10.04 6.83
C LEU B 267 -8.74 8.98 6.77
N PRO B 268 -7.84 9.10 5.81
CA PRO B 268 -7.53 10.31 5.00
C PRO B 268 -8.34 10.43 3.71
N MET B 269 -9.31 9.55 3.51
CA MET B 269 -10.21 9.71 2.36
C MET B 269 -11.18 10.87 2.66
N THR B 270 -11.54 11.61 1.61
CA THR B 270 -12.27 12.89 1.75
C THR B 270 -13.50 12.87 0.84
N GLU B 271 -14.58 13.50 1.26
N GLU B 271 -14.49 13.66 1.19
CA GLU B 271 -15.77 13.59 0.35
CA GLU B 271 -15.63 13.84 0.30
C GLU B 271 -15.39 14.35 -0.95
C GLU B 271 -15.28 14.42 -1.07
N LEU B 272 -16.06 13.98 -2.07
CA LEU B 272 -15.79 14.45 -3.43
C LEU B 272 -15.72 15.99 -3.54
N SER B 273 -14.66 16.48 -4.21
CA SER B 273 -14.48 17.95 -4.29
C SER B 273 -15.70 18.54 -5.04
N GLU B 274 -16.08 19.75 -4.63
CA GLU B 274 -17.27 20.41 -5.19
C GLU B 274 -17.17 20.61 -6.65
N LYS B 275 -15.98 20.82 -7.18
CA LYS B 275 -15.84 21.06 -8.59
C LYS B 275 -16.32 19.93 -9.50
N HIS B 276 -16.49 18.73 -8.93
CA HIS B 276 -16.97 17.54 -9.71
C HIS B 276 -18.46 17.27 -9.53
N HIS B 277 -19.12 18.01 -8.63
CA HIS B 277 -20.48 17.68 -8.28
C HIS B 277 -21.45 17.89 -9.43
N GLN B 278 -21.31 19.05 -10.11
CA GLN B 278 -22.28 19.33 -11.16
C GLN B 278 -22.26 18.27 -12.30
N ALA B 279 -21.05 17.94 -12.73
CA ALA B 279 -20.85 17.02 -13.88
C ALA B 279 -21.45 15.65 -13.46
N LEU B 280 -21.24 15.24 -12.20
CA LEU B 280 -21.68 13.89 -11.81
C LEU B 280 -23.20 13.84 -11.59
N GLU B 281 -23.77 14.91 -11.01
CA GLU B 281 -25.16 14.98 -10.84
C GLU B 281 -25.84 14.98 -12.25
N LYS B 282 -25.26 15.68 -13.22
CA LYS B 282 -25.89 15.80 -14.56
C LYS B 282 -25.96 14.37 -15.16
N VAL B 283 -24.85 13.64 -14.99
CA VAL B 283 -24.80 12.23 -15.43
C VAL B 283 -25.82 11.34 -14.79
N LEU B 284 -26.02 11.42 -13.46
CA LEU B 284 -26.93 10.58 -12.78
C LEU B 284 -28.36 10.91 -13.26
N LYS B 285 -28.64 12.19 -13.50
CA LYS B 285 -29.96 12.63 -14.01
CA LYS B 285 -29.98 12.55 -13.96
C LYS B 285 -30.21 12.09 -15.40
N ASN B 286 -29.17 12.23 -16.24
N ASN B 286 -29.23 12.24 -16.26
CA ASN B 286 -29.12 11.76 -17.66
CA ASN B 286 -29.41 11.76 -17.62
C ASN B 286 -29.40 10.27 -17.81
C ASN B 286 -29.76 10.27 -17.62
N LEU B 287 -29.10 9.51 -16.75
CA LEU B 287 -29.27 8.04 -16.71
C LEU B 287 -30.51 7.71 -15.92
N GLU B 288 -31.23 8.74 -15.43
CA GLU B 288 -32.47 8.55 -14.69
C GLU B 288 -32.25 7.81 -13.37
N LEU B 289 -31.03 7.97 -12.84
CA LEU B 289 -30.70 7.33 -11.56
C LEU B 289 -31.13 8.24 -10.41
N ILE B 290 -31.26 9.54 -10.74
N ILE B 290 -31.32 9.54 -10.67
CA ILE B 290 -31.80 10.64 -9.90
CA ILE B 290 -32.03 10.45 -9.74
C ILE B 290 -32.74 11.52 -10.76
C ILE B 290 -32.99 11.32 -10.55
#